data_9B76
#
_entry.id   9B76
#
_cell.length_a   36.701
_cell.length_b   86.068
_cell.length_c   67.447
_cell.angle_alpha   90.000
_cell.angle_beta   105.730
_cell.angle_gamma   90.000
#
_symmetry.space_group_name_H-M   'P 1 21 1'
#
loop_
_entity.id
_entity.type
_entity.pdbx_description
1 polymer 'h44H10-V21 Antibody, heavy chain'
2 polymer 'h44H10-V21 Antibody, light chain'
3 non-polymer 'POTASSIUM ION'
4 non-polymer 'ACETATE ION'
5 water water
#
loop_
_entity_poly.entity_id
_entity_poly.type
_entity_poly.pdbx_seq_one_letter_code
_entity_poly.pdbx_strand_id
1 'polypeptide(L)'
;QVTLKESGPVLVKPTETLTLTCTVSGFSLTSYGVHWIRQPPGKALEWLAVIWAGGSISYSTSLMSRLTISKDTSKSQVVL
TMTNMDPVDTATYYCARAYGDYVHYAMDYWGQGTLVTVSSASTKGPSVFPLAPSSKSTSGGTAALGCLVKDYFPEPVTVS
WNSGALTSGVHTFPAVLQSSGLYSLSSVVTVPSSSLGTQTYICNVNHKPSNTKVDKKVEPKSC
;
H
2 'polypeptide(L)'
;DIQMTQSPSSLSASVGDRVTITCRASQEISGYLTWLQQKPGKAPKLLIYAASTLDSGVPKRFSGSRSGTDFTLTISSLQP
EDFATYYCLQYTNYPLTFGQGTKLEIKRTVAAPSVFIFPPSDEQLKSGTASVVCLLNNFYPREAKVQWKVDNALQSGNSQ
ESVTEQDSKDSTYSLSSTLTLSKADYEKHKVYACEVTHQGLSSPVTKSFNRGEC
;
L
#
# COMPACT_ATOMS: atom_id res chain seq x y z
N GLN A 1 -11.21 21.06 11.19
CA GLN A 1 -10.49 20.19 10.27
C GLN A 1 -11.42 19.47 9.33
N VAL A 2 -11.30 19.73 8.02
CA VAL A 2 -12.06 18.98 7.04
C VAL A 2 -11.47 17.58 6.93
N THR A 3 -12.26 16.57 7.29
CA THR A 3 -11.82 15.17 7.19
C THR A 3 -12.98 14.29 6.79
N LEU A 4 -12.64 13.13 6.23
CA LEU A 4 -13.59 12.06 5.94
C LEU A 4 -12.95 10.77 6.40
N LYS A 5 -13.72 9.92 7.07
CA LYS A 5 -13.17 8.70 7.67
C LYS A 5 -14.12 7.54 7.38
N GLU A 6 -13.65 6.54 6.65
CA GLU A 6 -14.42 5.32 6.40
C GLU A 6 -14.30 4.34 7.55
N SER A 7 -15.40 3.64 7.83
CA SER A 7 -15.40 2.59 8.85
C SER A 7 -16.47 1.55 8.52
N GLY A 8 -16.40 0.41 9.20
CA GLY A 8 -17.31 -0.68 8.94
C GLY A 8 -16.59 -2.00 8.89
N PRO A 9 -17.34 -3.10 9.00
CA PRO A 9 -16.72 -4.43 8.97
C PRO A 9 -16.01 -4.67 7.64
N VAL A 10 -14.77 -5.14 7.73
CA VAL A 10 -13.92 -5.25 6.55
C VAL A 10 -14.01 -6.62 5.86
N LEU A 11 -14.53 -7.63 6.53
CA LEU A 11 -14.66 -8.97 5.94
C LEU A 11 -16.14 -9.25 5.69
N VAL A 12 -16.49 -9.55 4.45
CA VAL A 12 -17.86 -9.83 4.03
C VAL A 12 -17.89 -11.20 3.37
N LYS A 13 -18.86 -12.05 3.76
CA LYS A 13 -18.95 -13.34 3.09
C LYS A 13 -19.61 -13.17 1.72
N PRO A 14 -19.29 -14.06 0.77
CA PRO A 14 -19.94 -13.99 -0.55
C PRO A 14 -21.45 -14.05 -0.43
N THR A 15 -22.11 -13.25 -1.27
CA THR A 15 -23.55 -13.02 -1.37
C THR A 15 -24.09 -12.16 -0.23
N GLU A 16 -23.28 -11.77 0.75
CA GLU A 16 -23.76 -10.98 1.87
C GLU A 16 -23.50 -9.51 1.58
N THR A 17 -23.86 -8.64 2.53
CA THR A 17 -23.96 -7.22 2.29
C THR A 17 -22.81 -6.47 2.97
N LEU A 18 -22.19 -5.54 2.22
CA LEU A 18 -21.22 -4.59 2.76
C LEU A 18 -21.94 -3.34 3.27
N THR A 19 -21.62 -2.93 4.49
CA THR A 19 -22.09 -1.63 5.00
C THR A 19 -20.87 -0.83 5.42
N LEU A 20 -20.60 0.28 4.73
CA LEU A 20 -19.52 1.19 5.09
C LEU A 20 -20.08 2.54 5.51
N THR A 21 -19.51 3.11 6.56
CA THR A 21 -19.88 4.44 7.03
C THR A 21 -18.74 5.42 6.75
N CYS A 22 -19.10 6.60 6.26
CA CYS A 22 -18.16 7.70 6.07
C CYS A 22 -18.58 8.78 7.05
N THR A 23 -17.74 9.03 8.05
CA THR A 23 -18.00 10.08 9.03
C THR A 23 -17.20 11.31 8.63
N VAL A 24 -17.85 12.45 8.53
CA VAL A 24 -17.15 13.63 8.04
C VAL A 24 -17.04 14.64 9.17
N SER A 25 -16.05 15.53 9.05
CA SER A 25 -15.91 16.63 10.00
C SER A 25 -15.47 17.89 9.26
N GLY A 26 -15.82 19.04 9.82
CA GLY A 26 -15.40 20.33 9.31
C GLY A 26 -16.28 20.89 8.20
N PHE A 27 -17.30 20.15 7.77
CA PHE A 27 -18.27 20.65 6.82
C PHE A 27 -19.59 19.93 7.02
N SER A 28 -20.64 20.50 6.43
CA SER A 28 -21.99 19.98 6.56
C SER A 28 -22.41 19.14 5.35
N LEU A 29 -23.09 18.03 5.62
CA LEU A 29 -23.57 17.17 4.56
C LEU A 29 -24.81 17.74 3.85
N THR A 30 -25.36 18.86 4.31
CA THR A 30 -26.38 19.54 3.54
C THR A 30 -25.80 20.70 2.74
N SER A 31 -24.47 20.81 2.70
CA SER A 31 -23.76 21.74 1.82
C SER A 31 -22.89 21.04 0.80
N TYR A 32 -22.42 19.85 1.11
CA TYR A 32 -21.48 19.13 0.25
C TYR A 32 -22.01 17.74 -0.05
N GLY A 33 -21.71 17.26 -1.25
CA GLY A 33 -21.93 15.87 -1.58
C GLY A 33 -20.75 14.98 -1.15
N VAL A 34 -21.00 13.67 -1.20
CA VAL A 34 -20.00 12.64 -0.88
C VAL A 34 -20.04 11.58 -1.99
N HIS A 35 -18.90 11.40 -2.66
CA HIS A 35 -18.67 10.35 -3.64
C HIS A 35 -18.13 9.10 -2.95
N TRP A 36 -18.41 7.93 -3.56
CA TRP A 36 -17.81 6.66 -3.18
C TRP A 36 -17.02 6.11 -4.34
N ILE A 37 -15.80 5.64 -4.06
CA ILE A 37 -14.84 5.16 -5.05
C ILE A 37 -14.22 3.89 -4.48
N ARG A 38 -13.84 2.95 -5.36
CA ARG A 38 -13.12 1.78 -4.86
C ARG A 38 -11.94 1.49 -5.77
N GLN A 39 -11.02 0.70 -5.26
CA GLN A 39 -9.78 0.40 -5.97
C GLN A 39 -9.38 -1.03 -5.65
N PRO A 40 -9.62 -1.96 -6.56
CA PRO A 40 -9.14 -3.32 -6.34
C PRO A 40 -7.63 -3.33 -6.21
N PRO A 41 -7.07 -4.27 -5.46
CA PRO A 41 -5.63 -4.26 -5.20
C PRO A 41 -4.83 -4.21 -6.50
N GLY A 42 -3.94 -3.22 -6.58
CA GLY A 42 -3.09 -3.08 -7.76
C GLY A 42 -3.77 -2.55 -9.00
N LYS A 43 -5.06 -2.22 -8.97
CA LYS A 43 -5.77 -1.77 -10.15
C LYS A 43 -6.12 -0.28 -10.03
N ALA A 44 -6.83 0.25 -11.02
CA ALA A 44 -7.18 1.67 -11.00
C ALA A 44 -8.41 1.94 -10.14
N LEU A 45 -8.59 3.23 -9.82
CA LEU A 45 -9.79 3.71 -9.14
C LEU A 45 -11.03 3.53 -10.00
N GLU A 46 -12.16 3.22 -9.36
CA GLU A 46 -13.44 3.05 -10.02
C GLU A 46 -14.46 3.83 -9.23
N TRP A 47 -15.19 4.72 -9.90
CA TRP A 47 -16.25 5.49 -9.23
C TRP A 47 -17.51 4.64 -9.05
N LEU A 48 -18.14 4.75 -7.87
CA LEU A 48 -19.36 3.98 -7.57
C LEU A 48 -20.64 4.80 -7.55
N ALA A 49 -20.63 5.95 -6.89
CA ALA A 49 -21.87 6.67 -6.59
C ALA A 49 -21.55 7.99 -5.89
N VAL A 50 -22.56 8.84 -5.83
CA VAL A 50 -22.46 10.10 -5.10
C VAL A 50 -23.81 10.42 -4.51
N ILE A 51 -23.83 10.94 -3.27
CA ILE A 51 -25.05 11.51 -2.70
C ILE A 51 -24.82 13.00 -2.49
N TRP A 52 -25.67 13.82 -3.10
CA TRP A 52 -25.44 15.26 -3.12
C TRP A 52 -25.99 15.94 -1.88
N ALA A 53 -25.63 17.23 -1.74
CA ALA A 53 -26.02 18.01 -0.57
C ALA A 53 -27.52 17.98 -0.35
N GLY A 54 -28.30 18.07 -1.44
CA GLY A 54 -29.73 18.08 -1.33
C GLY A 54 -30.38 16.71 -1.32
N GLY A 55 -29.58 15.64 -1.40
CA GLY A 55 -30.09 14.30 -1.25
C GLY A 55 -30.25 13.48 -2.50
N SER A 56 -30.10 14.06 -3.69
CA SER A 56 -30.18 13.24 -4.91
C SER A 56 -28.95 12.35 -5.02
N ILE A 57 -29.13 11.14 -5.55
CA ILE A 57 -28.04 10.18 -5.66
C ILE A 57 -27.86 9.81 -7.13
N SER A 58 -26.61 9.63 -7.54
CA SER A 58 -26.33 9.08 -8.86
C SER A 58 -25.40 7.89 -8.68
N TYR A 59 -25.54 6.90 -9.55
CA TYR A 59 -24.84 5.63 -9.39
C TYR A 59 -24.13 5.27 -10.69
N SER A 60 -23.11 4.44 -10.53
CA SER A 60 -22.56 3.72 -11.68
C SER A 60 -23.64 2.76 -12.20
N THR A 61 -23.95 2.85 -13.50
CA THR A 61 -25.13 2.16 -14.03
C THR A 61 -25.07 0.66 -13.77
N SER A 62 -23.94 0.02 -14.07
CA SER A 62 -23.86 -1.43 -13.95
C SER A 62 -23.98 -1.92 -12.51
N LEU A 63 -23.72 -1.07 -11.53
CA LEU A 63 -23.78 -1.48 -10.13
C LEU A 63 -24.99 -0.91 -9.40
N MET A 64 -25.86 -0.19 -10.11
CA MET A 64 -26.82 0.66 -9.42
C MET A 64 -27.78 -0.14 -8.54
N SER A 65 -28.24 -1.31 -9.01
CA SER A 65 -29.23 -2.05 -8.20
C SER A 65 -28.61 -2.55 -6.89
N ARG A 66 -27.30 -2.72 -6.84
CA ARG A 66 -26.60 -3.23 -5.66
C ARG A 66 -26.23 -2.15 -4.64
N LEU A 67 -26.39 -0.87 -4.96
CA LEU A 67 -25.89 0.21 -4.12
C LEU A 67 -27.03 1.01 -3.53
N THR A 68 -26.96 1.27 -2.22
CA THR A 68 -27.85 2.24 -1.59
C THR A 68 -27.06 3.14 -0.65
N ILE A 69 -27.44 4.41 -0.63
CA ILE A 69 -26.70 5.43 0.13
C ILE A 69 -27.69 6.15 1.01
N SER A 70 -27.36 6.25 2.30
CA SER A 70 -28.20 6.99 3.23
C SER A 70 -27.36 8.08 3.88
N LYS A 71 -28.03 9.12 4.38
CA LYS A 71 -27.34 10.23 5.01
C LYS A 71 -27.94 10.44 6.39
N ASP A 72 -27.09 10.78 7.36
CA ASP A 72 -27.54 11.14 8.70
C ASP A 72 -26.80 12.42 9.08
N THR A 73 -27.48 13.55 8.91
CA THR A 73 -26.83 14.86 9.03
C THR A 73 -26.40 15.15 10.45
N SER A 74 -27.21 14.75 11.43
CA SER A 74 -26.88 15.01 12.84
C SER A 74 -25.61 14.28 13.23
N LYS A 75 -25.44 13.05 12.74
CA LYS A 75 -24.26 12.22 13.02
C LYS A 75 -23.11 12.51 12.08
N SER A 76 -23.29 13.39 11.10
CA SER A 76 -22.25 13.70 10.12
C SER A 76 -21.80 12.43 9.38
N GLN A 77 -22.75 11.59 9.00
CA GLN A 77 -22.42 10.31 8.38
C GLN A 77 -23.19 10.09 7.08
N VAL A 78 -22.51 9.48 6.11
CA VAL A 78 -23.13 8.87 4.95
C VAL A 78 -22.80 7.38 5.00
N VAL A 79 -23.77 6.54 4.64
CA VAL A 79 -23.60 5.09 4.72
C VAL A 79 -23.82 4.48 3.35
N LEU A 80 -22.85 3.70 2.90
CA LEU A 80 -22.94 2.94 1.65
C LEU A 80 -23.26 1.49 1.97
N THR A 81 -24.31 0.95 1.34
CA THR A 81 -24.68 -0.44 1.47
C THR A 81 -24.56 -1.08 0.09
N MET A 82 -23.82 -2.18 -0.01
CA MET A 82 -23.61 -2.85 -1.29
C MET A 82 -23.98 -4.33 -1.12
N THR A 83 -24.96 -4.78 -1.88
CA THR A 83 -25.51 -6.12 -1.69
C THR A 83 -24.84 -7.12 -2.63
N ASN A 84 -25.04 -8.40 -2.30
CA ASN A 84 -24.57 -9.53 -3.11
C ASN A 84 -23.08 -9.43 -3.41
N MET A 85 -22.28 -9.30 -2.36
CA MET A 85 -20.83 -9.12 -2.55
C MET A 85 -20.19 -10.39 -3.10
N ASP A 86 -19.21 -10.21 -3.99
CA ASP A 86 -18.49 -11.28 -4.66
C ASP A 86 -16.99 -11.03 -4.48
N PRO A 87 -16.16 -12.09 -4.53
CA PRO A 87 -14.71 -11.86 -4.42
C PRO A 87 -14.17 -10.78 -5.32
N VAL A 88 -14.74 -10.57 -6.51
CA VAL A 88 -14.24 -9.49 -7.36
C VAL A 88 -14.49 -8.12 -6.75
N ASP A 89 -15.33 -8.04 -5.72
CA ASP A 89 -15.56 -6.77 -5.04
C ASP A 89 -14.53 -6.45 -3.97
N THR A 90 -13.56 -7.33 -3.74
CA THR A 90 -12.46 -7.04 -2.82
C THR A 90 -11.69 -5.82 -3.33
N ALA A 91 -11.53 -4.81 -2.47
CA ALA A 91 -11.04 -3.50 -2.88
C ALA A 91 -10.88 -2.60 -1.66
N THR A 92 -10.09 -1.54 -1.84
CA THR A 92 -10.07 -0.44 -0.90
C THR A 92 -11.17 0.51 -1.29
N TYR A 93 -12.04 0.84 -0.33
CA TYR A 93 -13.19 1.70 -0.59
C TYR A 93 -12.95 3.08 0.04
N TYR A 94 -13.25 4.14 -0.73
CA TYR A 94 -12.98 5.52 -0.35
C TYR A 94 -14.26 6.34 -0.41
N CYS A 95 -14.40 7.29 0.49
CA CYS A 95 -15.36 8.37 0.26
C CYS A 95 -14.58 9.66 -0.01
N ALA A 96 -15.21 10.59 -0.70
CA ALA A 96 -14.57 11.84 -1.06
C ALA A 96 -15.63 12.92 -1.21
N ARG A 97 -15.22 14.15 -0.92
CA ARG A 97 -16.14 15.28 -0.84
C ARG A 97 -16.22 16.04 -2.16
N ALA A 98 -17.42 16.52 -2.51
CA ALA A 98 -17.57 17.50 -3.58
C ALA A 98 -18.66 18.51 -3.19
N TYR A 99 -18.48 19.77 -3.57
CA TYR A 99 -19.46 20.78 -3.16
C TYR A 99 -20.79 20.61 -3.89
N GLY A 100 -21.88 20.92 -3.18
CA GLY A 100 -23.14 21.21 -3.81
C GLY A 100 -23.98 20.06 -4.33
N ASP A 101 -24.53 20.23 -5.55
CA ASP A 101 -25.55 19.32 -6.06
C ASP A 101 -25.34 18.94 -7.53
N TYR A 102 -24.15 19.13 -8.10
CA TYR A 102 -23.99 18.77 -9.50
C TYR A 102 -22.56 18.31 -9.76
N VAL A 103 -22.44 17.44 -10.77
CA VAL A 103 -21.20 16.70 -10.99
C VAL A 103 -20.04 17.61 -11.39
N HIS A 104 -20.31 18.80 -11.91
CA HIS A 104 -19.25 19.70 -12.33
C HIS A 104 -18.52 20.36 -11.16
N TYR A 105 -18.95 20.17 -9.90
CA TYR A 105 -18.17 20.59 -8.73
C TYR A 105 -17.13 19.53 -8.44
N ALA A 106 -15.84 19.87 -8.59
CA ALA A 106 -14.77 18.88 -8.49
C ALA A 106 -14.65 18.32 -7.07
N MET A 107 -14.40 17.01 -6.97
CA MET A 107 -14.14 16.41 -5.66
C MET A 107 -12.76 16.83 -5.16
N ASP A 108 -12.65 17.09 -3.85
CA ASP A 108 -11.38 17.61 -3.33
C ASP A 108 -10.79 16.67 -2.29
N TYR A 109 -11.34 16.58 -1.09
CA TYR A 109 -10.75 15.79 -0.02
C TYR A 109 -11.25 14.34 -0.07
N TRP A 110 -10.33 13.41 0.11
CA TRP A 110 -10.64 11.99 0.18
C TRP A 110 -10.44 11.47 1.60
N GLY A 111 -11.18 10.43 1.96
CA GLY A 111 -10.93 9.73 3.20
C GLY A 111 -9.70 8.84 3.07
N GLN A 112 -9.37 8.15 4.17
CA GLN A 112 -8.15 7.36 4.19
C GLN A 112 -8.27 6.04 3.42
N GLY A 113 -9.50 5.57 3.22
CA GLY A 113 -9.74 4.30 2.55
C GLY A 113 -9.82 3.15 3.51
N THR A 114 -10.68 2.17 3.25
CA THR A 114 -10.74 0.97 4.08
C THR A 114 -10.74 -0.27 3.18
N LEU A 115 -9.92 -1.25 3.55
CA LEU A 115 -9.78 -2.46 2.75
C LEU A 115 -10.91 -3.42 3.09
N VAL A 116 -11.73 -3.73 2.10
CA VAL A 116 -12.83 -4.68 2.22
C VAL A 116 -12.44 -5.97 1.51
N THR A 117 -12.54 -7.10 2.22
CA THR A 117 -12.23 -8.42 1.68
C THR A 117 -13.49 -9.25 1.64
N VAL A 118 -13.80 -9.83 0.48
CA VAL A 118 -14.96 -10.71 0.32
C VAL A 118 -14.44 -12.14 0.25
N SER A 119 -14.80 -12.95 1.25
CA SER A 119 -14.24 -14.29 1.37
C SER A 119 -15.10 -15.11 2.32
N SER A 120 -15.12 -16.42 2.09
CA SER A 120 -15.83 -17.31 2.99
C SER A 120 -14.93 -17.82 4.12
N ALA A 121 -13.66 -17.42 4.12
CA ALA A 121 -12.72 -17.81 5.16
C ALA A 121 -12.98 -17.00 6.44
N SER A 122 -12.63 -17.59 7.58
CA SER A 122 -12.87 -16.91 8.84
C SER A 122 -11.66 -16.10 9.28
N THR A 123 -11.90 -15.15 10.18
CA THR A 123 -10.85 -14.30 10.70
C THR A 123 -9.84 -15.15 11.48
N LYS A 124 -8.59 -14.66 11.54
CA LYS A 124 -7.54 -15.33 12.30
C LYS A 124 -6.48 -14.30 12.64
N GLY A 125 -6.19 -14.14 13.93
CA GLY A 125 -5.21 -13.18 14.38
C GLY A 125 -3.80 -13.65 14.10
N PRO A 126 -2.84 -12.74 14.20
CA PRO A 126 -1.45 -13.07 13.82
C PRO A 126 -0.68 -13.78 14.92
N SER A 127 0.22 -14.66 14.50
CA SER A 127 1.30 -15.18 15.33
C SER A 127 2.53 -14.31 15.06
N VAL A 128 3.12 -13.79 16.12
CA VAL A 128 4.28 -12.91 15.99
C VAL A 128 5.50 -13.63 16.54
N PHE A 129 6.57 -13.67 15.74
CA PHE A 129 7.81 -14.35 16.06
C PHE A 129 8.99 -13.39 15.90
N PRO A 130 9.97 -13.44 16.79
CA PRO A 130 11.10 -12.51 16.70
C PRO A 130 12.10 -12.90 15.62
N LEU A 131 12.67 -11.89 14.97
CA LEU A 131 13.81 -12.02 14.06
C LEU A 131 15.02 -11.42 14.78
N ALA A 132 15.83 -12.28 15.41
CA ALA A 132 16.84 -11.79 16.34
C ALA A 132 18.11 -11.37 15.61
N PRO A 133 18.72 -10.24 16.01
CA PRO A 133 19.95 -9.68 15.43
C PRO A 133 21.03 -10.73 15.20
N GLY A 140 29.44 -3.92 9.89
CA GLY A 140 30.04 -2.77 10.52
C GLY A 140 29.53 -2.58 11.94
N GLY A 141 28.78 -1.51 12.16
CA GLY A 141 28.24 -1.22 13.47
C GLY A 141 26.72 -1.14 13.46
N THR A 142 26.11 -1.74 12.44
CA THR A 142 24.66 -1.73 12.26
C THR A 142 24.14 -3.16 12.32
N ALA A 143 23.10 -3.37 13.12
CA ALA A 143 22.43 -4.65 13.21
C ALA A 143 21.00 -4.53 12.70
N ALA A 144 20.44 -5.64 12.25
CA ALA A 144 19.05 -5.69 11.87
C ALA A 144 18.28 -6.61 12.80
N LEU A 145 17.06 -6.22 13.14
CA LEU A 145 16.17 -7.07 13.91
C LEU A 145 14.77 -6.86 13.36
N GLY A 146 13.85 -7.76 13.72
CA GLY A 146 12.52 -7.64 13.17
C GLY A 146 11.54 -8.57 13.85
N CYS A 147 10.33 -8.60 13.30
N CYS A 147 10.35 -8.62 13.26
CA CYS A 147 9.31 -9.55 13.73
CA CYS A 147 9.29 -9.52 13.71
C CYS A 147 8.62 -10.12 12.51
C CYS A 147 8.63 -10.13 12.49
N LEU A 148 8.36 -11.42 12.56
CA LEU A 148 7.63 -12.12 11.53
C LEU A 148 6.17 -12.19 11.97
N VAL A 149 5.28 -11.59 11.18
CA VAL A 149 3.85 -11.56 11.48
C VAL A 149 3.18 -12.52 10.52
N LYS A 150 2.73 -13.66 11.03
CA LYS A 150 2.42 -14.82 10.20
C LYS A 150 1.00 -15.31 10.47
N ASP A 151 0.37 -15.84 9.42
CA ASP A 151 -0.88 -16.60 9.50
C ASP A 151 -2.04 -15.78 10.06
N TYR A 152 -2.30 -14.64 9.43
CA TYR A 152 -3.47 -13.85 9.79
C TYR A 152 -4.37 -13.64 8.58
N PHE A 153 -5.62 -13.29 8.86
CA PHE A 153 -6.64 -13.04 7.84
C PHE A 153 -7.79 -12.27 8.48
N PRO A 154 -8.31 -11.22 7.82
CA PRO A 154 -7.91 -10.70 6.52
C PRO A 154 -6.86 -9.62 6.70
N GLU A 155 -6.40 -9.00 5.62
CA GLU A 155 -5.61 -7.80 5.76
C GLU A 155 -6.47 -6.66 6.31
N PRO A 156 -5.87 -5.66 6.94
CA PRO A 156 -4.44 -5.45 7.18
C PRO A 156 -4.02 -5.65 8.62
N VAL A 157 -2.73 -5.81 8.87
CA VAL A 157 -2.16 -5.62 10.19
C VAL A 157 -1.36 -4.32 10.15
N THR A 158 -1.24 -3.69 11.30
CA THR A 158 -0.36 -2.55 11.47
C THR A 158 0.79 -2.93 12.41
N VAL A 159 2.00 -2.53 12.05
CA VAL A 159 3.17 -2.78 12.89
C VAL A 159 3.81 -1.45 13.25
N SER A 160 4.13 -1.28 14.52
CA SER A 160 4.95 -0.17 14.98
C SER A 160 6.06 -0.74 15.84
N TRP A 161 7.07 0.06 16.12
CA TRP A 161 8.18 -0.31 16.99
C TRP A 161 8.24 0.64 18.18
N ASN A 162 8.31 0.06 19.38
CA ASN A 162 8.39 0.84 20.63
C ASN A 162 7.24 1.84 20.72
N SER A 163 6.04 1.37 20.41
CA SER A 163 4.83 2.19 20.51
C SER A 163 4.95 3.51 19.75
N GLY A 164 5.79 3.54 18.72
CA GLY A 164 5.93 4.69 17.84
C GLY A 164 7.26 5.41 17.93
N ALA A 165 8.05 5.21 18.98
CA ALA A 165 9.28 5.97 19.16
C ALA A 165 10.29 5.64 18.08
N LEU A 166 10.32 4.39 17.63
CA LEU A 166 11.28 3.95 16.63
C LEU A 166 10.60 3.99 15.27
N THR A 167 11.04 4.91 14.42
CA THR A 167 10.44 5.08 13.10
C THR A 167 11.53 5.07 12.04
N SER A 168 12.72 5.56 12.39
CA SER A 168 13.83 5.60 11.45
C SER A 168 14.38 4.20 11.22
N GLY A 169 14.62 3.87 9.95
CA GLY A 169 15.15 2.57 9.57
C GLY A 169 14.14 1.44 9.50
N VAL A 170 12.87 1.70 9.78
CA VAL A 170 11.87 0.64 9.83
C VAL A 170 11.40 0.32 8.42
N HIS A 171 11.38 -0.96 8.08
CA HIS A 171 10.80 -1.42 6.81
C HIS A 171 9.76 -2.47 7.14
N THR A 172 8.49 -2.17 6.89
CA THR A 172 7.43 -3.16 7.03
C THR A 172 7.01 -3.58 5.63
N PHE A 173 7.24 -4.85 5.32
CA PHE A 173 7.05 -5.35 3.97
C PHE A 173 5.56 -5.59 3.69
N PRO A 174 5.16 -5.45 2.43
CA PRO A 174 3.81 -5.86 2.02
C PRO A 174 3.53 -7.32 2.39
N ALA A 175 2.28 -7.57 2.79
CA ALA A 175 1.87 -8.92 3.14
C ALA A 175 1.90 -9.81 1.91
N VAL A 176 2.36 -11.04 2.09
CA VAL A 176 2.29 -12.06 1.05
C VAL A 176 1.17 -13.02 1.39
N LEU A 177 0.29 -13.25 0.42
CA LEU A 177 -0.74 -14.27 0.58
C LEU A 177 -0.11 -15.65 0.42
N GLN A 178 -0.25 -16.49 1.42
CA GLN A 178 0.29 -17.84 1.32
C GLN A 178 -0.73 -18.75 0.63
N SER A 179 -0.24 -19.88 0.12
CA SER A 179 -1.12 -20.79 -0.58
C SER A 179 -2.25 -21.28 0.32
N SER A 180 -2.01 -21.34 1.63
CA SER A 180 -3.06 -21.71 2.57
C SER A 180 -4.19 -20.69 2.58
N GLY A 181 -3.94 -19.45 2.14
CA GLY A 181 -4.93 -18.41 2.20
C GLY A 181 -4.72 -17.40 3.30
N LEU A 182 -3.74 -17.62 4.18
CA LEU A 182 -3.39 -16.70 5.26
C LEU A 182 -2.22 -15.82 4.85
N TYR A 183 -2.21 -14.60 5.37
CA TYR A 183 -1.19 -13.62 5.04
C TYR A 183 0.00 -13.72 5.99
N SER A 184 1.17 -13.32 5.48
CA SER A 184 2.36 -13.22 6.31
C SER A 184 3.15 -11.99 5.87
N LEU A 185 3.88 -11.40 6.82
CA LEU A 185 4.76 -10.30 6.50
C LEU A 185 5.85 -10.25 7.55
N SER A 186 6.90 -9.51 7.25
CA SER A 186 7.94 -9.18 8.23
C SER A 186 8.06 -7.66 8.33
N SER A 187 8.53 -7.23 9.50
CA SER A 187 8.87 -5.82 9.74
C SER A 187 10.26 -5.81 10.34
N VAL A 188 11.19 -5.07 9.73
CA VAL A 188 12.57 -5.07 10.19
C VAL A 188 12.99 -3.64 10.50
N VAL A 189 14.04 -3.52 11.29
CA VAL A 189 14.61 -2.21 11.60
C VAL A 189 16.11 -2.39 11.78
N THR A 190 16.86 -1.39 11.34
CA THR A 190 18.31 -1.37 11.54
C THR A 190 18.62 -0.44 12.70
N VAL A 191 19.47 -0.91 13.60
CA VAL A 191 19.84 -0.12 14.78
C VAL A 191 21.33 -0.29 15.02
N PRO A 192 21.95 0.63 15.76
CA PRO A 192 23.37 0.44 16.08
C PRO A 192 23.56 -0.86 16.86
N SER A 193 24.60 -1.61 16.51
CA SER A 193 24.90 -2.82 17.27
C SER A 193 25.17 -2.49 18.74
N SER A 194 25.64 -1.28 19.04
CA SER A 194 25.98 -0.91 20.41
C SER A 194 24.75 -0.83 21.32
N SER A 195 23.55 -0.83 20.77
CA SER A 195 22.31 -0.71 21.56
C SER A 195 21.69 -2.06 21.93
N LEU A 196 22.21 -3.16 21.38
CA LEU A 196 21.54 -4.45 21.50
C LEU A 196 21.41 -4.93 22.94
N GLY A 197 22.32 -4.57 23.83
CA GLY A 197 22.18 -5.05 25.19
C GLY A 197 21.37 -4.15 26.10
N THR A 198 21.23 -2.89 25.72
CA THR A 198 20.63 -1.88 26.59
C THR A 198 19.24 -1.45 26.13
N GLN A 199 19.08 -1.12 24.86
CA GLN A 199 17.80 -0.63 24.37
C GLN A 199 16.82 -1.79 24.24
N THR A 200 15.55 -1.50 24.52
CA THR A 200 14.47 -2.47 24.38
C THR A 200 13.80 -2.25 23.02
N TYR A 201 13.62 -3.32 22.27
CA TYR A 201 12.97 -3.27 20.96
C TYR A 201 11.71 -4.12 21.00
N ILE A 202 10.55 -3.48 20.84
CA ILE A 202 9.27 -4.17 20.91
C ILE A 202 8.47 -3.87 19.65
N CYS A 203 8.03 -4.94 19.00
N CYS A 203 8.07 -4.93 18.94
CA CYS A 203 7.21 -4.87 17.80
CA CYS A 203 7.22 -4.73 17.79
C CYS A 203 5.73 -4.91 18.21
C CYS A 203 5.77 -4.84 18.24
N ASN A 204 5.00 -3.82 17.92
CA ASN A 204 3.60 -3.71 18.30
C ASN A 204 2.75 -4.02 17.08
N VAL A 205 2.02 -5.12 17.14
CA VAL A 205 1.20 -5.63 16.05
C VAL A 205 -0.25 -5.46 16.44
N ASN A 206 -1.02 -4.80 15.57
CA ASN A 206 -2.45 -4.59 15.79
C ASN A 206 -3.19 -5.14 14.58
N HIS A 207 -4.14 -6.04 14.83
CA HIS A 207 -4.94 -6.66 13.78
C HIS A 207 -6.39 -6.35 14.12
N LYS A 208 -6.85 -5.17 13.72
CA LYS A 208 -8.21 -4.73 14.03
C LYS A 208 -9.30 -5.73 13.63
N PRO A 209 -9.26 -6.36 12.45
CA PRO A 209 -10.35 -7.30 12.10
C PRO A 209 -10.56 -8.42 13.11
N SER A 210 -9.58 -8.73 13.95
CA SER A 210 -9.74 -9.77 14.97
C SER A 210 -9.61 -9.24 16.39
N ASN A 211 -9.45 -7.93 16.58
CA ASN A 211 -9.27 -7.33 17.91
C ASN A 211 -8.08 -7.95 18.64
N THR A 212 -7.01 -8.19 17.90
CA THR A 212 -5.80 -8.79 18.44
C THR A 212 -4.70 -7.74 18.46
N LYS A 213 -4.13 -7.50 19.64
CA LYS A 213 -2.94 -6.69 19.80
C LYS A 213 -1.86 -7.56 20.41
N VAL A 214 -0.67 -7.53 19.84
CA VAL A 214 0.46 -8.31 20.33
C VAL A 214 1.69 -7.40 20.38
N ASP A 215 2.38 -7.40 21.51
CA ASP A 215 3.67 -6.73 21.66
C ASP A 215 4.72 -7.80 21.91
N LYS A 216 5.69 -7.90 20.99
CA LYS A 216 6.72 -8.94 21.07
C LYS A 216 8.08 -8.28 21.22
N LYS A 217 8.78 -8.60 22.31
CA LYS A 217 10.14 -8.10 22.50
C LYS A 217 11.11 -8.96 21.69
N VAL A 218 12.08 -8.29 21.06
CA VAL A 218 13.06 -8.94 20.19
C VAL A 218 14.43 -8.83 20.85
N GLU A 219 14.99 -9.97 21.25
CA GLU A 219 16.24 -10.00 21.99
C GLU A 219 17.35 -10.66 21.19
N PRO A 220 18.60 -10.17 21.32
CA PRO A 220 19.66 -10.58 20.39
C PRO A 220 20.18 -11.99 20.61
N LYS A 221 19.31 -12.93 20.98
CA LYS A 221 19.69 -14.33 21.19
C LYS A 221 20.85 -14.47 22.18
N ASP B 1 -19.89 5.31 -21.76
CA ASP B 1 -18.99 5.95 -20.80
C ASP B 1 -17.78 6.57 -21.47
N ILE B 2 -17.30 7.68 -20.92
CA ILE B 2 -16.10 8.35 -21.43
C ILE B 2 -14.87 7.56 -21.00
N GLN B 3 -14.03 7.20 -21.96
CA GLN B 3 -12.78 6.52 -21.67
C GLN B 3 -11.65 7.55 -21.62
N MET B 4 -10.84 7.48 -20.57
CA MET B 4 -9.68 8.35 -20.37
C MET B 4 -8.43 7.51 -20.62
N THR B 5 -7.68 7.87 -21.65
CA THR B 5 -6.52 7.07 -22.06
C THR B 5 -5.28 7.79 -21.56
N GLN B 6 -4.62 7.21 -20.57
CA GLN B 6 -3.53 7.84 -19.86
C GLN B 6 -2.21 7.23 -20.31
N SER B 7 -1.21 8.07 -20.55
CA SER B 7 0.08 7.57 -20.98
C SER B 7 1.18 8.41 -20.38
N PRO B 8 2.36 7.82 -20.11
CA PRO B 8 2.68 6.40 -20.25
C PRO B 8 2.12 5.64 -19.07
N SER B 9 2.33 4.34 -18.98
CA SER B 9 1.85 3.64 -17.80
C SER B 9 2.90 3.57 -16.71
N SER B 10 4.18 3.71 -17.06
CA SER B 10 5.22 3.80 -16.02
C SER B 10 6.35 4.68 -16.54
N LEU B 11 6.92 5.45 -15.61
CA LEU B 11 8.01 6.37 -15.85
C LEU B 11 9.05 6.18 -14.74
N SER B 12 10.31 6.43 -15.06
CA SER B 12 11.37 6.41 -14.06
C SER B 12 12.29 7.56 -14.41
N ALA B 13 12.37 8.58 -13.54
CA ALA B 13 13.08 9.80 -13.88
C ALA B 13 13.86 10.31 -12.66
N SER B 14 14.92 11.09 -12.93
CA SER B 14 15.84 11.52 -11.89
C SER B 14 15.33 12.78 -11.16
N VAL B 15 15.79 12.93 -9.92
CA VAL B 15 15.56 14.18 -9.20
C VAL B 15 16.07 15.34 -10.04
N GLY B 16 15.25 16.37 -10.13
CA GLY B 16 15.58 17.54 -10.89
C GLY B 16 15.11 17.51 -12.32
N ASP B 17 14.64 16.36 -12.82
CA ASP B 17 14.24 16.28 -14.21
C ASP B 17 12.76 16.61 -14.35
N ARG B 18 12.34 16.77 -15.62
CA ARG B 18 10.97 17.13 -15.92
C ARG B 18 10.24 15.93 -16.53
N VAL B 19 9.00 15.70 -16.09
CA VAL B 19 8.22 14.61 -16.66
C VAL B 19 6.84 15.11 -17.05
N THR B 20 6.26 14.41 -18.01
CA THR B 20 5.00 14.76 -18.64
C THR B 20 4.13 13.51 -18.66
N ILE B 21 2.90 13.64 -18.18
CA ILE B 21 1.88 12.60 -18.21
C ILE B 21 0.69 13.14 -18.98
N THR B 22 0.14 12.34 -19.88
CA THR B 22 -0.96 12.80 -20.73
C THR B 22 -2.21 11.94 -20.52
N CYS B 23 -3.37 12.54 -20.79
CA CYS B 23 -4.65 11.85 -20.74
C CYS B 23 -5.45 12.36 -21.91
N ARG B 24 -5.97 11.45 -22.71
CA ARG B 24 -6.87 11.79 -23.81
C ARG B 24 -8.27 11.31 -23.45
N ALA B 25 -9.26 12.20 -23.55
CA ALA B 25 -10.65 11.82 -23.32
C ALA B 25 -11.29 11.37 -24.63
N SER B 26 -12.12 10.32 -24.55
CA SER B 26 -12.75 9.78 -25.75
C SER B 26 -13.88 10.67 -26.30
N GLN B 27 -14.38 11.61 -25.49
CA GLN B 27 -15.37 12.61 -25.91
C GLN B 27 -15.00 13.94 -25.27
N GLU B 28 -15.67 15.00 -25.71
CA GLU B 28 -15.51 16.31 -25.07
C GLU B 28 -15.82 16.23 -23.58
N ILE B 29 -14.88 16.68 -22.75
CA ILE B 29 -15.13 16.81 -21.33
C ILE B 29 -15.04 18.25 -20.86
N SER B 30 -15.07 19.20 -21.79
CA SER B 30 -14.81 20.62 -21.52
C SER B 30 -13.49 20.65 -20.74
N GLY B 31 -13.36 21.42 -19.68
CA GLY B 31 -12.14 21.34 -18.91
C GLY B 31 -12.32 20.61 -17.59
N TYR B 32 -13.29 19.70 -17.51
CA TYR B 32 -13.61 19.05 -16.24
C TYR B 32 -12.71 17.82 -16.05
N LEU B 33 -11.45 18.11 -15.74
CA LEU B 33 -10.40 17.11 -15.66
C LEU B 33 -9.59 17.41 -14.40
N THR B 34 -9.41 16.40 -13.57
CA THR B 34 -8.62 16.51 -12.36
C THR B 34 -7.42 15.59 -12.46
N TRP B 35 -6.30 16.02 -11.88
CA TRP B 35 -5.13 15.18 -11.69
C TRP B 35 -4.95 14.88 -10.20
N LEU B 36 -4.76 13.60 -9.88
CA LEU B 36 -4.58 13.12 -8.52
C LEU B 36 -3.22 12.46 -8.36
N GLN B 37 -2.68 12.52 -7.15
CA GLN B 37 -1.46 11.82 -6.79
C GLN B 37 -1.76 10.79 -5.72
N GLN B 38 -1.37 9.54 -5.92
CA GLN B 38 -1.63 8.52 -4.90
C GLN B 38 -0.33 7.87 -4.47
N LYS B 39 0.13 8.23 -3.26
CA LYS B 39 1.30 7.57 -2.70
C LYS B 39 0.94 6.13 -2.33
N PRO B 40 1.93 5.24 -2.32
CA PRO B 40 1.63 3.83 -2.02
C PRO B 40 1.03 3.68 -0.63
N GLY B 41 -0.06 2.93 -0.55
CA GLY B 41 -0.76 2.69 0.69
C GLY B 41 -1.60 3.85 1.20
N LYS B 42 -1.82 4.88 0.39
CA LYS B 42 -2.51 6.08 0.86
C LYS B 42 -3.66 6.42 -0.08
N ALA B 43 -4.50 7.34 0.37
CA ALA B 43 -5.57 7.84 -0.48
C ALA B 43 -5.02 8.83 -1.50
N PRO B 44 -5.67 8.90 -2.67
CA PRO B 44 -5.36 9.95 -3.65
C PRO B 44 -5.46 11.34 -3.05
N LYS B 45 -4.63 12.24 -3.57
CA LYS B 45 -4.65 13.64 -3.18
C LYS B 45 -4.81 14.50 -4.41
N LEU B 46 -5.61 15.55 -4.28
CA LEU B 46 -5.86 16.47 -5.38
C LEU B 46 -4.63 17.31 -5.70
N LEU B 47 -4.23 17.31 -6.97
CA LEU B 47 -3.21 18.23 -7.45
C LEU B 47 -3.79 19.40 -8.22
N ILE B 48 -4.63 19.09 -9.22
CA ILE B 48 -5.14 20.04 -10.18
C ILE B 48 -6.59 19.69 -10.46
N TYR B 49 -7.43 20.71 -10.59
CA TYR B 49 -8.79 20.51 -11.06
C TYR B 49 -9.06 21.53 -12.15
N ALA B 50 -10.19 21.35 -12.83
CA ALA B 50 -10.52 22.21 -13.97
C ALA B 50 -9.36 22.28 -14.95
N ALA B 51 -8.68 21.13 -15.11
CA ALA B 51 -7.60 20.91 -16.07
C ALA B 51 -6.31 21.64 -15.73
N SER B 52 -6.39 22.88 -15.23
CA SER B 52 -5.19 23.69 -15.06
C SER B 52 -5.10 24.46 -13.75
N THR B 53 -6.07 24.33 -12.84
CA THR B 53 -6.08 25.11 -11.61
C THR B 53 -5.35 24.32 -10.52
N LEU B 54 -4.25 24.88 -10.03
CA LEU B 54 -3.45 24.20 -9.02
C LEU B 54 -4.14 24.34 -7.65
N ASP B 55 -4.32 23.23 -6.94
CA ASP B 55 -5.00 23.29 -5.66
C ASP B 55 -4.10 23.99 -4.63
N SER B 56 -4.73 24.70 -3.70
CA SER B 56 -3.98 25.38 -2.66
C SER B 56 -3.09 24.37 -1.93
N GLY B 57 -1.85 24.77 -1.67
CA GLY B 57 -0.90 23.95 -0.95
C GLY B 57 -0.07 23.01 -1.80
N VAL B 58 -0.44 22.82 -3.06
CA VAL B 58 0.31 21.95 -3.95
C VAL B 58 1.54 22.71 -4.48
N PRO B 59 2.72 22.10 -4.52
CA PRO B 59 3.91 22.83 -4.97
C PRO B 59 3.79 23.29 -6.41
N LYS B 60 4.40 24.45 -6.70
CA LYS B 60 4.25 25.04 -8.02
C LYS B 60 4.93 24.21 -9.11
N ARG B 61 5.70 23.19 -8.75
CA ARG B 61 6.32 22.37 -9.78
C ARG B 61 5.29 21.51 -10.53
N PHE B 62 4.06 21.39 -10.00
CA PHE B 62 2.98 20.70 -10.70
C PHE B 62 2.17 21.70 -11.53
N SER B 63 1.89 21.35 -12.79
CA SER B 63 1.12 22.22 -13.66
CA SER B 63 1.09 22.22 -13.64
C SER B 63 0.29 21.36 -14.61
N GLY B 64 -0.87 21.86 -14.98
CA GLY B 64 -1.76 21.15 -15.90
C GLY B 64 -2.08 22.01 -17.11
N SER B 65 -2.20 21.37 -18.26
CA SER B 65 -2.52 22.07 -19.49
C SER B 65 -3.45 21.21 -20.35
N ARG B 66 -4.04 21.85 -21.37
CA ARG B 66 -4.95 21.20 -22.31
C ARG B 66 -4.55 21.57 -23.73
N SER B 67 -4.84 20.66 -24.66
CA SER B 67 -4.68 20.94 -26.09
C SER B 67 -5.88 20.45 -26.89
N GLY B 68 -7.06 20.50 -26.29
CA GLY B 68 -8.27 20.01 -26.93
C GLY B 68 -8.86 18.85 -26.17
N THR B 69 -8.69 17.63 -26.68
CA THR B 69 -8.99 16.43 -25.91
C THR B 69 -7.78 15.86 -25.19
N ASP B 70 -6.59 16.43 -25.39
CA ASP B 70 -5.36 15.98 -24.73
C ASP B 70 -5.09 16.85 -23.51
N PHE B 71 -4.87 16.23 -22.37
CA PHE B 71 -4.60 16.92 -21.13
C PHE B 71 -3.24 16.46 -20.62
N THR B 72 -2.43 17.40 -20.11
CA THR B 72 -1.07 17.10 -19.73
C THR B 72 -0.81 17.54 -18.30
N LEU B 73 -0.25 16.63 -17.49
CA LEU B 73 0.31 16.97 -16.19
C LEU B 73 1.83 17.03 -16.33
N THR B 74 2.41 18.16 -15.97
CA THR B 74 3.86 18.36 -16.02
C THR B 74 4.40 18.54 -14.61
N ILE B 75 5.44 17.78 -14.26
CA ILE B 75 6.19 18.00 -13.03
C ILE B 75 7.55 18.53 -13.46
N SER B 76 7.88 19.77 -13.03
CA SER B 76 8.95 20.52 -13.68
CA SER B 76 8.95 20.52 -13.68
C SER B 76 10.34 20.11 -13.21
N SER B 77 10.52 19.92 -11.91
CA SER B 77 11.82 19.62 -11.31
C SER B 77 11.56 18.61 -10.20
N LEU B 78 11.59 17.34 -10.56
CA LEU B 78 11.13 16.25 -9.71
C LEU B 78 11.91 16.21 -8.39
N GLN B 79 11.19 15.88 -7.32
CA GLN B 79 11.75 15.72 -5.98
C GLN B 79 11.58 14.28 -5.53
N PRO B 80 12.40 13.80 -4.59
CA PRO B 80 12.33 12.39 -4.21
C PRO B 80 10.98 12.00 -3.67
N GLU B 81 10.24 12.94 -3.09
CA GLU B 81 8.91 12.61 -2.57
C GLU B 81 7.84 12.49 -3.66
N ASP B 82 8.18 12.66 -4.94
CA ASP B 82 7.18 12.66 -6.00
C ASP B 82 6.85 11.25 -6.52
N PHE B 83 7.51 10.20 -6.02
CA PHE B 83 7.12 8.87 -6.48
C PHE B 83 5.71 8.58 -6.01
N ALA B 84 4.90 8.09 -6.95
CA ALA B 84 3.46 7.94 -6.72
C ALA B 84 2.87 7.32 -7.97
N THR B 85 1.61 6.92 -7.86
CA THR B 85 0.84 6.66 -9.07
C THR B 85 -0.05 7.87 -9.29
N TYR B 86 -0.05 8.40 -10.50
CA TYR B 86 -0.82 9.59 -10.85
C TYR B 86 -2.00 9.17 -11.71
N TYR B 87 -3.17 9.80 -11.48
CA TYR B 87 -4.38 9.48 -12.21
C TYR B 87 -5.03 10.76 -12.73
N CYS B 88 -5.59 10.70 -13.94
CA CYS B 88 -6.54 11.73 -14.35
C CYS B 88 -7.96 11.24 -14.06
N LEU B 89 -8.89 12.20 -13.98
CA LEU B 89 -10.28 11.92 -13.63
C LEU B 89 -11.13 12.91 -14.40
N GLN B 90 -12.08 12.42 -15.20
CA GLN B 90 -13.04 13.36 -15.79
C GLN B 90 -14.31 13.35 -14.96
N TYR B 91 -14.92 14.53 -14.84
CA TYR B 91 -16.17 14.67 -14.09
C TYR B 91 -17.16 15.54 -14.86
N THR B 92 -17.20 15.37 -16.19
CA THR B 92 -18.20 16.09 -17.00
C THR B 92 -19.55 15.38 -16.98
N ASN B 93 -19.55 14.07 -16.77
CA ASN B 93 -20.77 13.30 -16.86
C ASN B 93 -20.57 11.99 -16.12
N TYR B 94 -21.68 11.27 -15.94
CA TYR B 94 -21.68 9.99 -15.25
C TYR B 94 -21.55 8.85 -16.25
N PRO B 95 -20.82 7.80 -15.88
CA PRO B 95 -20.06 7.66 -14.62
C PRO B 95 -18.79 8.51 -14.63
N LEU B 96 -18.32 9.04 -13.49
CA LEU B 96 -16.98 9.60 -13.46
C LEU B 96 -15.98 8.51 -13.82
N THR B 97 -14.96 8.84 -14.62
CA THR B 97 -14.03 7.80 -15.05
C THR B 97 -12.59 8.27 -14.91
N PHE B 98 -11.72 7.31 -14.62
CA PHE B 98 -10.32 7.55 -14.31
C PHE B 98 -9.44 6.99 -15.42
N GLY B 99 -8.31 7.66 -15.66
CA GLY B 99 -7.24 7.03 -16.39
C GLY B 99 -6.73 5.83 -15.63
N GLN B 100 -6.02 4.96 -16.32
CA GLN B 100 -5.60 3.74 -15.65
C GLN B 100 -4.31 3.93 -14.85
N GLY B 101 -3.76 5.13 -14.80
CA GLY B 101 -2.66 5.42 -13.88
C GLY B 101 -1.29 5.41 -14.54
N THR B 102 -0.41 6.26 -14.03
CA THR B 102 1.01 6.33 -14.37
C THR B 102 1.82 6.11 -13.10
N LYS B 103 2.59 5.03 -13.05
CA LYS B 103 3.47 4.80 -11.91
C LYS B 103 4.79 5.52 -12.16
N LEU B 104 5.11 6.52 -11.34
CA LEU B 104 6.36 7.25 -11.47
C LEU B 104 7.32 6.78 -10.39
N GLU B 105 8.48 6.26 -10.81
CA GLU B 105 9.57 5.88 -9.92
C GLU B 105 10.64 6.95 -9.98
N ILE B 106 11.28 7.24 -8.85
CA ILE B 106 12.44 8.13 -8.84
C ILE B 106 13.69 7.34 -9.24
N LYS B 107 14.33 7.78 -10.31
CA LYS B 107 15.57 7.18 -10.77
C LYS B 107 16.73 7.73 -9.95
N ARG B 108 17.68 6.87 -9.59
CA ARG B 108 18.84 7.28 -8.81
C ARG B 108 20.02 6.37 -9.15
N THR B 109 21.18 6.65 -8.52
CA THR B 109 22.38 5.86 -8.78
C THR B 109 22.23 4.46 -8.20
N VAL B 110 22.92 3.50 -8.81
CA VAL B 110 22.92 2.14 -8.30
C VAL B 110 23.46 2.14 -6.87
N ALA B 111 22.78 1.38 -5.99
CA ALA B 111 23.22 1.21 -4.60
C ALA B 111 23.16 -0.28 -4.23
N ALA B 112 24.24 -0.79 -3.67
CA ALA B 112 24.28 -2.21 -3.36
C ALA B 112 23.51 -2.52 -2.08
N PRO B 113 22.93 -3.71 -1.98
CA PRO B 113 22.20 -4.05 -0.75
C PRO B 113 23.14 -4.44 0.37
N SER B 114 22.70 -4.14 1.58
CA SER B 114 23.28 -4.69 2.79
C SER B 114 22.46 -5.93 3.15
N VAL B 115 23.12 -7.05 3.42
CA VAL B 115 22.43 -8.33 3.53
C VAL B 115 22.48 -8.83 4.97
N PHE B 116 21.34 -9.34 5.45
CA PHE B 116 21.18 -9.86 6.80
C PHE B 116 20.39 -11.16 6.74
N ILE B 117 20.75 -12.13 7.59
CA ILE B 117 20.02 -13.39 7.63
C ILE B 117 19.57 -13.67 9.06
N PHE B 118 18.37 -14.24 9.18
CA PHE B 118 17.71 -14.48 10.46
C PHE B 118 17.30 -15.93 10.59
N PRO B 119 17.76 -16.65 11.61
CA PRO B 119 17.32 -18.02 11.82
C PRO B 119 15.89 -18.06 12.33
N PRO B 120 15.20 -19.20 12.21
CA PRO B 120 13.88 -19.32 12.84
C PRO B 120 13.98 -19.24 14.36
N SER B 121 12.94 -18.70 14.98
CA SER B 121 12.92 -18.57 16.43
C SER B 121 12.52 -19.89 17.09
N ASP B 122 12.99 -20.08 18.32
CA ASP B 122 12.58 -21.27 19.06
C ASP B 122 11.07 -21.33 19.23
N GLU B 123 10.44 -20.17 19.41
CA GLU B 123 8.99 -20.13 19.53
C GLU B 123 8.31 -20.69 18.28
N GLN B 124 8.80 -20.30 17.10
CA GLN B 124 8.20 -20.82 15.86
C GLN B 124 8.49 -22.30 15.69
N LEU B 125 9.73 -22.72 15.94
CA LEU B 125 10.07 -24.14 15.81
C LEU B 125 9.20 -25.01 16.70
N LYS B 126 8.79 -24.49 17.87
CA LYS B 126 7.84 -25.21 18.71
C LYS B 126 6.45 -25.30 18.10
N SER B 127 6.17 -24.57 17.03
CA SER B 127 4.89 -24.70 16.35
C SER B 127 4.91 -25.71 15.21
N GLY B 128 6.08 -26.20 14.83
CA GLY B 128 6.21 -27.17 13.77
C GLY B 128 6.71 -26.64 12.43
N THR B 129 7.03 -25.36 12.34
CA THR B 129 7.52 -24.81 11.08
C THR B 129 8.75 -23.96 11.34
N ALA B 130 9.51 -23.73 10.28
CA ALA B 130 10.75 -22.97 10.36
C ALA B 130 10.81 -22.00 9.19
N SER B 131 10.80 -20.71 9.48
CA SER B 131 10.96 -19.67 8.48
C SER B 131 12.34 -19.05 8.62
N VAL B 132 13.11 -19.08 7.53
CA VAL B 132 14.42 -18.45 7.46
C VAL B 132 14.28 -17.21 6.60
N VAL B 133 14.72 -16.07 7.10
CA VAL B 133 14.49 -14.79 6.45
C VAL B 133 15.83 -14.17 6.05
N CYS B 134 15.92 -13.75 4.79
CA CYS B 134 17.06 -13.01 4.26
C CYS B 134 16.58 -11.60 3.94
N LEU B 135 17.35 -10.60 4.35
CA LEU B 135 16.96 -9.20 4.17
C LEU B 135 17.99 -8.50 3.31
N LEU B 136 17.55 -7.88 2.21
CA LEU B 136 18.40 -6.98 1.42
C LEU B 136 17.96 -5.55 1.71
N ASN B 137 18.83 -4.75 2.31
CA ASN B 137 18.44 -3.43 2.78
C ASN B 137 19.01 -2.31 1.92
N ASN B 138 18.13 -1.39 1.52
CA ASN B 138 18.49 -0.06 1.00
C ASN B 138 19.34 -0.14 -0.28
N PHE B 139 18.74 -0.68 -1.34
CA PHE B 139 19.46 -0.86 -2.60
C PHE B 139 18.65 -0.29 -3.76
N TYR B 140 19.32 -0.18 -4.93
CA TYR B 140 18.70 0.34 -6.14
C TYR B 140 19.48 -0.14 -7.37
N PRO B 141 18.82 -0.61 -8.45
CA PRO B 141 17.37 -0.76 -8.61
C PRO B 141 16.83 -2.01 -7.90
N ARG B 142 15.52 -2.23 -8.05
CA ARG B 142 14.81 -3.32 -7.38
C ARG B 142 15.30 -4.71 -7.79
N GLU B 143 15.75 -4.85 -9.04
CA GLU B 143 16.19 -6.13 -9.56
C GLU B 143 17.28 -6.75 -8.71
N ALA B 144 17.06 -8.00 -8.30
CA ALA B 144 18.01 -8.72 -7.45
C ALA B 144 17.70 -10.20 -7.57
N LYS B 145 18.71 -11.02 -7.28
CA LYS B 145 18.56 -12.48 -7.28
C LYS B 145 18.98 -12.99 -5.91
N VAL B 146 18.09 -13.73 -5.25
CA VAL B 146 18.34 -14.31 -3.94
C VAL B 146 18.19 -15.82 -4.07
N GLN B 147 19.27 -16.56 -3.87
CA GLN B 147 19.22 -18.01 -3.93
C GLN B 147 19.49 -18.58 -2.54
N TRP B 148 18.65 -19.53 -2.13
CA TRP B 148 18.82 -20.23 -0.88
C TRP B 148 19.62 -21.51 -1.13
N LYS B 149 20.63 -21.73 -0.31
CA LYS B 149 21.40 -22.97 -0.34
C LYS B 149 21.38 -23.54 1.06
N VAL B 150 20.98 -24.80 1.17
CA VAL B 150 20.89 -25.53 2.43
C VAL B 150 21.85 -26.70 2.32
N ASP B 151 22.92 -26.66 3.11
CA ASP B 151 24.02 -27.62 2.97
C ASP B 151 24.57 -27.63 1.54
N ASN B 152 24.75 -26.43 0.99
CA ASN B 152 25.27 -26.22 -0.37
C ASN B 152 24.36 -26.82 -1.44
N ALA B 153 23.09 -27.07 -1.12
CA ALA B 153 22.11 -27.56 -2.07
C ALA B 153 21.13 -26.44 -2.39
N LEU B 154 20.98 -26.12 -3.69
CA LEU B 154 20.11 -25.02 -4.08
C LEU B 154 18.65 -25.38 -3.88
N GLN B 155 17.88 -24.39 -3.41
CA GLN B 155 16.47 -24.57 -3.10
C GLN B 155 15.60 -23.99 -4.21
N SER B 156 14.40 -24.55 -4.34
CA SER B 156 13.46 -24.01 -5.30
C SER B 156 12.05 -24.34 -4.83
N GLY B 157 11.11 -23.46 -5.17
CA GLY B 157 9.71 -23.67 -4.83
C GLY B 157 9.35 -23.51 -3.37
N ASN B 158 10.29 -23.10 -2.51
CA ASN B 158 10.00 -23.02 -1.07
C ASN B 158 10.37 -21.68 -0.46
N SER B 159 10.48 -20.62 -1.28
CA SER B 159 10.74 -19.28 -0.78
C SER B 159 9.79 -18.30 -1.46
N GLN B 160 9.59 -17.15 -0.81
CA GLN B 160 8.75 -16.07 -1.30
C GLN B 160 9.45 -14.75 -1.02
N GLU B 161 9.29 -13.80 -1.93
CA GLU B 161 9.91 -12.49 -1.81
C GLU B 161 8.86 -11.39 -1.68
N SER B 162 9.24 -10.34 -0.97
CA SER B 162 8.44 -9.12 -0.85
C SER B 162 9.35 -7.91 -0.92
N VAL B 163 8.90 -6.84 -1.56
CA VAL B 163 9.70 -5.64 -1.73
CA VAL B 163 9.70 -5.64 -1.76
C VAL B 163 8.95 -4.43 -1.21
N THR B 164 9.69 -3.51 -0.59
CA THR B 164 9.09 -2.29 -0.10
C THR B 164 8.85 -1.33 -1.27
N GLU B 165 8.18 -0.23 -0.96
CA GLU B 165 8.12 0.94 -1.83
C GLU B 165 9.40 1.78 -1.65
N GLN B 166 9.62 2.72 -2.57
CA GLN B 166 10.83 3.55 -2.47
C GLN B 166 10.86 4.37 -1.20
N ASP B 167 12.06 4.55 -0.66
CA ASP B 167 12.26 5.45 0.45
C ASP B 167 12.04 6.90 0.02
N SER B 168 11.25 7.64 0.79
CA SER B 168 10.91 9.01 0.41
C SER B 168 12.10 9.94 0.42
N LYS B 169 13.21 9.55 1.05
CA LYS B 169 14.40 10.37 1.15
C LYS B 169 15.48 9.96 0.17
N ASP B 170 15.89 8.68 0.19
CA ASP B 170 17.02 8.26 -0.64
C ASP B 170 16.61 7.36 -1.80
N SER B 171 15.31 7.08 -1.99
CA SER B 171 14.77 6.44 -3.19
C SER B 171 15.19 4.98 -3.34
N THR B 172 15.61 4.32 -2.26
CA THR B 172 16.04 2.93 -2.33
C THR B 172 14.89 1.99 -1.99
N TYR B 173 15.18 0.70 -2.15
CA TYR B 173 14.25 -0.37 -1.85
C TYR B 173 14.86 -1.28 -0.81
N SER B 174 13.99 -2.04 -0.13
CA SER B 174 14.46 -3.18 0.64
C SER B 174 13.65 -4.40 0.21
N LEU B 175 14.25 -5.59 0.36
CA LEU B 175 13.63 -6.81 -0.07
C LEU B 175 13.81 -7.89 0.98
N SER B 176 12.79 -8.72 1.17
CA SER B 176 12.89 -9.86 2.06
C SER B 176 12.65 -11.12 1.26
N SER B 177 13.44 -12.16 1.53
CA SER B 177 13.16 -13.48 1.00
C SER B 177 13.00 -14.41 2.20
N THR B 178 11.92 -15.19 2.18
CA THR B 178 11.57 -16.05 3.31
C THR B 178 11.53 -17.49 2.82
N LEU B 179 12.47 -18.30 3.32
CA LEU B 179 12.52 -19.72 3.04
C LEU B 179 11.73 -20.45 4.13
N THR B 180 10.71 -21.19 3.74
CA THR B 180 9.92 -21.94 4.72
C THR B 180 10.17 -23.43 4.54
N LEU B 181 10.46 -24.10 5.65
CA LEU B 181 10.70 -25.53 5.68
C LEU B 181 9.88 -26.12 6.82
N SER B 182 9.60 -27.41 6.72
CA SER B 182 9.07 -28.09 7.88
C SER B 182 10.16 -28.17 8.94
N LYS B 183 9.74 -28.32 10.19
CA LYS B 183 10.72 -28.50 11.26
C LYS B 183 11.58 -29.74 11.01
N ALA B 184 10.95 -30.81 10.52
CA ALA B 184 11.70 -32.04 10.22
C ALA B 184 12.81 -31.77 9.21
N ASP B 185 12.48 -31.08 8.11
CA ASP B 185 13.48 -30.77 7.09
C ASP B 185 14.55 -29.84 7.62
N TYR B 186 14.16 -28.85 8.44
CA TYR B 186 15.11 -27.88 8.96
C TYR B 186 16.17 -28.55 9.84
N GLU B 187 15.77 -29.55 10.63
CA GLU B 187 16.73 -30.24 11.50
C GLU B 187 17.66 -31.18 10.76
N LYS B 188 17.35 -31.56 9.52
CA LYS B 188 18.19 -32.50 8.81
C LYS B 188 19.44 -31.85 8.23
N HIS B 189 19.59 -30.54 8.33
CA HIS B 189 20.69 -29.85 7.69
C HIS B 189 21.28 -28.82 8.63
N LYS B 190 22.50 -28.39 8.32
CA LYS B 190 23.27 -27.55 9.22
C LYS B 190 23.50 -26.15 8.70
N VAL B 191 24.02 -26.01 7.48
CA VAL B 191 24.38 -24.70 6.94
C VAL B 191 23.20 -24.16 6.13
N TYR B 192 22.71 -22.99 6.51
CA TYR B 192 21.67 -22.27 5.78
C TYR B 192 22.27 -20.97 5.28
N ALA B 193 22.09 -20.70 3.98
CA ALA B 193 22.75 -19.55 3.38
C ALA B 193 21.84 -18.92 2.34
N CYS B 194 21.89 -17.60 2.24
CA CYS B 194 21.27 -16.88 1.15
C CYS B 194 22.35 -16.15 0.37
N GLU B 195 22.39 -16.37 -0.94
CA GLU B 195 23.34 -15.74 -1.84
C GLU B 195 22.64 -14.67 -2.64
N VAL B 196 23.16 -13.45 -2.59
CA VAL B 196 22.50 -12.27 -3.15
C VAL B 196 23.31 -11.76 -4.32
N THR B 197 22.67 -11.65 -5.48
CA THR B 197 23.28 -11.08 -6.67
C THR B 197 22.56 -9.79 -7.00
N HIS B 198 23.33 -8.73 -7.22
CA HIS B 198 22.78 -7.42 -7.53
C HIS B 198 23.86 -6.65 -8.28
N GLN B 199 23.43 -5.80 -9.22
CA GLN B 199 24.41 -5.13 -10.07
C GLN B 199 25.32 -4.18 -9.30
N GLY B 200 24.91 -3.72 -8.12
CA GLY B 200 25.76 -2.90 -7.27
C GLY B 200 26.83 -3.64 -6.52
N LEU B 201 26.86 -4.96 -6.60
CA LEU B 201 27.88 -5.78 -5.96
C LEU B 201 28.83 -6.31 -7.04
N SER B 202 30.14 -6.18 -6.80
CA SER B 202 31.09 -6.68 -7.78
C SER B 202 31.04 -8.21 -7.88
N SER B 203 30.62 -8.87 -6.82
CA SER B 203 30.46 -10.32 -6.79
C SER B 203 29.34 -10.65 -5.82
N PRO B 204 28.72 -11.83 -5.97
CA PRO B 204 27.66 -12.22 -5.04
C PRO B 204 28.10 -12.19 -3.58
N VAL B 205 27.14 -11.90 -2.71
CA VAL B 205 27.36 -11.85 -1.26
C VAL B 205 26.54 -12.97 -0.64
N THR B 206 27.16 -13.73 0.26
CA THR B 206 26.49 -14.82 0.97
C THR B 206 26.51 -14.54 2.46
N LYS B 207 25.35 -14.67 3.10
CA LYS B 207 25.23 -14.65 4.54
C LYS B 207 24.69 -16.00 4.99
N SER B 208 25.32 -16.60 6.00
CA SER B 208 24.93 -17.92 6.42
C SER B 208 24.92 -18.00 7.94
N PHE B 209 24.25 -19.03 8.46
CA PHE B 209 24.31 -19.39 9.87
C PHE B 209 24.30 -20.91 9.98
N ASN B 210 24.71 -21.39 11.15
CA ASN B 210 24.67 -22.81 11.48
C ASN B 210 23.57 -23.06 12.49
N ARG B 211 22.68 -24.00 12.17
CA ARG B 211 21.53 -24.30 13.02
C ARG B 211 21.96 -24.68 14.43
N GLY B 212 21.67 -23.82 15.41
CA GLY B 212 22.08 -24.06 16.78
C GLY B 212 22.45 -22.80 17.55
#